data_5CUX
#
_entry.id   5CUX
#
_cell.length_a   122.893
_cell.length_b   122.893
_cell.length_c   127.675
_cell.angle_alpha   90.00
_cell.angle_beta   90.00
_cell.angle_gamma   120.00
#
_symmetry.space_group_name_H-M   'P 32 2 1'
#
loop_
_entity.id
_entity.type
_entity.pdbx_description
1 polymer 'Acidocalcisomal pyrophosphatase'
2 non-polymer 'PYROPHOSPHATE 2-'
3 non-polymer 'PHOSPHATE ION'
4 water water
#
_entity_poly.entity_id   1
_entity_poly.type   'polypeptide(L)'
_entity_poly.pdbx_seq_one_letter_code
;MAKKDFFSMVSVDFAVPYHQQQLLTRETGELYTPSYRVLYYFRDMETGKELQVSPWHDIPLYVRDLVRTKPASLPMNRYN
FICEIPKWTRAKFEIATGEPFNPIKQDIKNGVPRFYKHGDMMWNYGALPQTWESTDVVFEGGYVGDNDPIDAIEIGMTQF
KVGQVGAVKVLGILGMIDDGQMDWKVICISHNDPICRFLKDIHDVPKFLPGCLDAIHEWFRVYKICQGGVENKFVFNGEF
KDKSFAMKVIDESHYMWGNLRKI
;
_entity_poly.pdbx_strand_id   A,B
#
# COMPACT_ATOMS: atom_id res chain seq x y z
N MET A 1 4.50 -45.13 -0.94
CA MET A 1 3.08 -44.67 -0.96
C MET A 1 2.92 -43.48 0.02
N ALA A 2 4.02 -42.76 0.27
CA ALA A 2 4.00 -41.62 1.19
C ALA A 2 3.35 -40.38 0.59
N LYS A 3 2.15 -40.55 0.01
CA LYS A 3 1.41 -39.41 -0.56
C LYS A 3 -0.05 -39.20 -0.13
N LYS A 4 -0.17 -38.23 0.78
CA LYS A 4 -1.41 -37.80 1.38
C LYS A 4 -1.79 -36.39 0.84
N ASP A 5 -2.66 -36.48 -0.15
CA ASP A 5 -3.21 -35.43 -0.93
C ASP A 5 -4.66 -35.33 -0.56
N PHE A 6 -4.97 -34.47 0.39
CA PHE A 6 -6.33 -34.24 0.76
C PHE A 6 -6.22 -32.76 0.90
N PHE A 7 -6.78 -32.02 -0.05
CA PHE A 7 -6.71 -30.57 -0.06
C PHE A 7 -8.07 -29.98 0.07
N SER A 8 -8.33 -29.34 1.23
CA SER A 8 -9.60 -28.71 1.49
C SER A 8 -9.75 -27.44 0.69
N MET A 9 -10.84 -27.35 -0.05
CA MET A 9 -11.13 -26.20 -0.90
C MET A 9 -12.15 -25.30 -0.22
N VAL A 10 -12.57 -25.61 1.01
CA VAL A 10 -13.51 -24.76 1.75
C VAL A 10 -13.01 -23.32 1.78
N SER A 11 -13.83 -22.38 1.35
CA SER A 11 -13.42 -20.99 1.31
C SER A 11 -14.67 -20.16 1.34
N VAL A 12 -14.56 -18.90 1.76
CA VAL A 12 -15.69 -18.00 1.75
C VAL A 12 -15.56 -17.48 0.33
N ASP A 13 -16.55 -17.70 -0.52
CA ASP A 13 -16.43 -17.29 -1.92
C ASP A 13 -16.77 -15.82 -2.16
N PHE A 14 -15.79 -14.94 -2.00
CA PHE A 14 -16.05 -13.50 -2.18
C PHE A 14 -15.67 -13.02 -3.56
N ALA A 15 -16.67 -12.79 -4.42
CA ALA A 15 -16.37 -12.30 -5.76
C ALA A 15 -15.87 -10.84 -5.67
N VAL A 16 -14.73 -10.58 -6.32
CA VAL A 16 -14.13 -9.25 -6.38
C VAL A 16 -14.80 -8.59 -7.58
N PRO A 17 -15.82 -7.76 -7.32
CA PRO A 17 -16.58 -7.07 -8.38
C PRO A 17 -15.75 -6.24 -9.37
N TYR A 18 -15.84 -4.92 -9.23
CA TYR A 18 -15.15 -3.93 -10.06
C TYR A 18 -13.72 -4.24 -10.52
N HIS A 19 -13.33 -3.56 -11.59
CA HIS A 19 -12.00 -3.71 -12.14
C HIS A 19 -11.17 -2.59 -11.59
N GLN A 20 -9.89 -2.87 -11.37
CA GLN A 20 -8.99 -1.87 -10.83
C GLN A 20 -8.75 -0.81 -11.90
N GLN A 21 -8.77 0.45 -11.50
CA GLN A 21 -8.55 1.53 -12.43
C GLN A 21 -7.14 2.06 -12.29
N GLN A 22 -6.59 2.55 -13.38
CA GLN A 22 -5.25 3.12 -13.40
C GLN A 22 -5.38 4.61 -13.69
N LEU A 23 -4.83 5.45 -12.84
CA LEU A 23 -4.92 6.89 -13.07
C LEU A 23 -3.97 7.23 -14.18
N LEU A 24 -4.38 8.17 -15.03
CA LEU A 24 -3.59 8.64 -16.16
C LEU A 24 -3.74 10.15 -16.23
N THR A 25 -2.72 10.84 -16.66
CA THR A 25 -2.87 12.28 -16.82
C THR A 25 -2.38 12.65 -18.21
N ARG A 26 -2.96 13.70 -18.77
CA ARG A 26 -2.57 14.18 -20.09
C ARG A 26 -2.56 15.67 -20.02
N GLU A 27 -1.66 16.29 -20.77
CA GLU A 27 -1.59 17.74 -20.80
C GLU A 27 -2.01 18.34 -22.14
N THR A 28 -2.49 19.59 -22.10
CA THR A 28 -2.91 20.31 -23.29
C THR A 28 -2.66 21.79 -23.04
N GLY A 29 -2.43 22.53 -24.12
CA GLY A 29 -2.17 23.95 -23.99
C GLY A 29 -0.69 24.13 -23.84
N GLU A 30 -0.25 25.37 -23.71
CA GLU A 30 1.16 25.68 -23.58
C GLU A 30 1.49 26.04 -22.15
N LEU A 31 2.34 25.24 -21.52
CA LEU A 31 2.71 25.50 -20.14
C LEU A 31 3.00 26.99 -19.89
N TYR A 32 2.45 27.51 -18.80
CA TYR A 32 2.61 28.91 -18.41
C TYR A 32 1.76 29.89 -19.20
N THR A 33 0.96 29.39 -20.13
CA THR A 33 0.03 30.25 -20.86
C THR A 33 -1.33 29.91 -20.25
N PRO A 34 -2.34 30.73 -20.50
CA PRO A 34 -3.61 30.37 -19.91
C PRO A 34 -4.36 29.23 -20.58
N SER A 35 -3.75 28.51 -21.49
CA SER A 35 -4.49 27.43 -22.15
C SER A 35 -4.11 26.09 -21.58
N TYR A 36 -3.08 26.11 -20.74
CA TYR A 36 -2.56 24.89 -20.11
C TYR A 36 -3.59 24.15 -19.26
N ARG A 37 -3.66 22.84 -19.47
CA ARG A 37 -4.57 21.96 -18.78
C ARG A 37 -3.96 20.59 -18.49
N VAL A 38 -4.25 20.06 -17.31
CA VAL A 38 -3.76 18.73 -16.98
C VAL A 38 -5.07 18.02 -16.82
N LEU A 39 -5.30 16.99 -17.61
CA LEU A 39 -6.55 16.24 -17.55
C LEU A 39 -6.33 14.83 -17.02
N TYR A 40 -7.29 14.33 -16.24
CA TYR A 40 -7.18 13.00 -15.66
C TYR A 40 -8.13 11.99 -16.31
N TYR A 41 -7.67 10.76 -16.43
CA TYR A 41 -8.46 9.67 -16.98
C TYR A 41 -8.25 8.41 -16.14
N PHE A 42 -9.17 7.45 -16.25
CA PHE A 42 -9.05 6.13 -15.59
C PHE A 42 -8.89 5.12 -16.72
N ARG A 43 -8.11 4.07 -16.50
CA ARG A 43 -7.97 3.06 -17.54
C ARG A 43 -8.35 1.77 -16.85
N ASP A 44 -9.45 1.17 -17.25
CA ASP A 44 -9.85 -0.11 -16.67
C ASP A 44 -8.64 -1.06 -16.87
N MET A 45 -8.10 -1.62 -15.79
CA MET A 45 -6.93 -2.49 -15.92
C MET A 45 -7.26 -3.82 -16.58
N GLU A 46 -8.55 -4.10 -16.74
CA GLU A 46 -8.96 -5.34 -17.40
C GLU A 46 -9.12 -5.01 -18.89
N THR A 47 -10.25 -4.37 -19.18
CA THR A 47 -10.68 -3.95 -20.50
C THR A 47 -9.86 -2.91 -21.27
N GLY A 48 -8.95 -2.19 -20.61
CA GLY A 48 -8.13 -1.18 -21.30
C GLY A 48 -8.87 0.11 -21.63
N LYS A 49 -10.15 0.14 -21.35
CA LYS A 49 -11.01 1.29 -21.61
C LYS A 49 -10.63 2.51 -20.81
N GLU A 50 -10.59 3.68 -21.46
CA GLU A 50 -10.29 4.92 -20.75
C GLU A 50 -11.51 5.86 -20.68
N LEU A 51 -11.65 6.58 -19.59
CA LEU A 51 -12.76 7.53 -19.41
C LEU A 51 -12.16 8.74 -18.76
N GLN A 52 -12.65 9.92 -19.09
CA GLN A 52 -12.09 11.06 -18.43
C GLN A 52 -12.79 11.12 -17.09
N VAL A 53 -12.10 11.61 -16.08
CA VAL A 53 -12.65 11.68 -14.74
C VAL A 53 -12.28 13.03 -14.15
N SER A 54 -12.76 13.28 -12.95
CA SER A 54 -12.46 14.49 -12.24
C SER A 54 -11.47 14.16 -11.11
N PRO A 55 -10.35 14.87 -11.07
CA PRO A 55 -9.38 14.59 -10.01
C PRO A 55 -10.02 14.90 -8.66
N TRP A 56 -11.00 15.76 -8.70
CA TRP A 56 -11.66 16.15 -7.47
C TRP A 56 -12.74 15.19 -6.96
N HIS A 57 -13.60 14.68 -7.84
CA HIS A 57 -14.68 13.83 -7.38
C HIS A 57 -14.44 12.35 -7.54
N ASP A 58 -13.54 11.99 -8.45
CA ASP A 58 -13.26 10.61 -8.75
C ASP A 58 -12.04 9.88 -8.19
N ILE A 59 -11.13 10.62 -7.59
CA ILE A 59 -9.95 10.02 -7.01
C ILE A 59 -10.38 9.85 -5.57
N PRO A 60 -10.27 8.63 -5.04
CA PRO A 60 -10.66 8.33 -3.66
C PRO A 60 -9.88 9.18 -2.64
N LEU A 61 -10.54 9.70 -1.61
CA LEU A 61 -9.87 10.46 -0.57
C LEU A 61 -9.08 9.48 0.26
N TYR A 62 -9.68 8.34 0.59
CA TYR A 62 -9.04 7.28 1.40
C TYR A 62 -8.38 6.25 0.52
N VAL A 63 -7.14 5.89 0.80
CA VAL A 63 -6.53 4.89 -0.07
C VAL A 63 -6.85 3.57 0.54
N ARG A 64 -7.43 2.67 -0.24
CA ARG A 64 -7.81 1.37 0.31
C ARG A 64 -7.68 0.24 -0.69
N ASP A 65 -7.24 -0.91 -0.21
CA ASP A 65 -7.18 -2.04 -1.11
C ASP A 65 -8.32 -3.00 -0.75
N LEU A 66 -8.38 -4.10 -1.45
CA LEU A 66 -9.49 -5.00 -1.23
C LEU A 66 -9.58 -5.72 0.12
N VAL A 67 -8.46 -6.20 0.65
CA VAL A 67 -8.43 -6.89 1.94
C VAL A 67 -7.32 -6.24 2.70
N ARG A 68 -7.58 -5.60 3.83
CA ARG A 68 -6.51 -4.96 4.61
C ARG A 68 -5.76 -6.02 5.47
N THR A 69 -4.45 -6.10 5.34
CA THR A 69 -3.79 -7.10 6.12
C THR A 69 -3.05 -6.53 7.33
N LYS A 70 -3.11 -5.21 7.48
CA LYS A 70 -2.49 -4.54 8.63
C LYS A 70 -3.31 -4.86 9.88
N PRO A 71 -2.71 -4.76 11.07
CA PRO A 71 -3.49 -5.05 12.29
C PRO A 71 -4.77 -4.23 12.35
N ALA A 72 -5.83 -4.86 12.79
CA ALA A 72 -7.08 -4.16 12.87
C ALA A 72 -6.89 -3.13 13.96
N SER A 73 -5.89 -3.29 14.82
CA SER A 73 -5.69 -2.34 15.91
C SER A 73 -4.97 -1.07 15.44
N LEU A 74 -4.26 -1.12 14.33
CA LEU A 74 -3.59 0.06 13.78
C LEU A 74 -4.57 0.98 13.05
N PRO A 75 -4.76 2.19 13.53
CA PRO A 75 -5.70 3.09 12.85
C PRO A 75 -5.28 3.42 11.46
N MET A 76 -6.25 3.64 10.58
CA MET A 76 -5.95 3.96 9.18
C MET A 76 -5.57 5.42 8.97
N ASN A 77 -4.56 5.64 8.14
CA ASN A 77 -4.10 6.97 7.83
C ASN A 77 -3.36 6.98 6.50
N ARG A 78 -4.04 6.80 5.36
CA ARG A 78 -3.41 6.85 4.03
C ARG A 78 -4.43 7.58 3.19
N TYR A 79 -4.19 8.86 2.92
CA TYR A 79 -5.11 9.64 2.08
C TYR A 79 -4.48 9.93 0.73
N ASN A 80 -5.30 10.24 -0.29
CA ASN A 80 -4.72 10.61 -1.59
C ASN A 80 -4.48 12.14 -1.58
N PHE A 81 -3.39 12.55 -2.22
CA PHE A 81 -3.00 13.95 -2.31
C PHE A 81 -2.69 14.29 -3.77
N ILE A 82 -3.29 15.40 -4.24
CA ILE A 82 -3.10 15.89 -5.60
C ILE A 82 -2.18 17.10 -5.54
N CYS A 83 -1.01 17.00 -6.19
CA CYS A 83 -0.07 18.10 -6.20
C CYS A 83 -0.42 19.13 -7.26
N GLU A 84 -0.50 20.39 -6.82
CA GLU A 84 -0.83 21.51 -7.70
C GLU A 84 0.41 22.41 -7.94
N ILE A 85 1.10 22.73 -6.88
CA ILE A 85 2.27 23.58 -6.93
C ILE A 85 3.46 22.76 -6.42
N PRO A 86 4.30 22.24 -7.31
CA PRO A 86 5.45 21.46 -6.87
C PRO A 86 6.40 22.17 -5.91
N LYS A 87 7.08 21.36 -5.11
CA LYS A 87 8.08 21.83 -4.16
C LYS A 87 9.05 22.68 -4.97
N TRP A 88 9.50 23.77 -4.40
CA TRP A 88 10.48 24.67 -5.05
C TRP A 88 9.98 25.45 -6.27
N THR A 89 8.68 25.62 -6.45
CA THR A 89 8.24 26.42 -7.59
C THR A 89 7.27 27.53 -7.17
N ARG A 90 6.92 28.42 -8.12
CA ARG A 90 6.00 29.51 -7.77
C ARG A 90 4.83 29.81 -8.70
N ALA A 91 4.54 28.97 -9.69
CA ALA A 91 3.39 29.22 -10.54
C ALA A 91 2.18 28.67 -9.79
N LYS A 92 1.18 29.52 -9.52
CA LYS A 92 -0.03 29.07 -8.82
C LYS A 92 -0.91 28.27 -9.75
N PHE A 93 -0.92 26.93 -9.64
CA PHE A 93 -1.81 26.07 -10.42
C PHE A 93 -2.94 25.68 -9.46
N GLU A 94 -4.06 25.19 -10.02
CA GLU A 94 -5.20 24.85 -9.19
C GLU A 94 -6.10 23.91 -9.89
N ILE A 95 -6.99 23.30 -9.12
CA ILE A 95 -7.97 22.39 -9.70
C ILE A 95 -9.05 23.36 -10.13
N ALA A 96 -9.48 23.23 -11.39
CA ALA A 96 -10.54 24.06 -11.96
C ALA A 96 -11.91 23.62 -11.45
N THR A 97 -12.31 24.08 -10.27
CA THR A 97 -13.60 23.65 -9.74
C THR A 97 -14.82 24.00 -10.58
N GLY A 98 -14.64 24.84 -11.60
CA GLY A 98 -15.74 25.25 -12.46
C GLY A 98 -15.80 24.57 -13.81
N GLU A 99 -14.67 24.13 -14.33
CA GLU A 99 -14.69 23.49 -15.64
C GLU A 99 -15.07 22.02 -15.52
N PRO A 100 -15.53 21.40 -16.64
CA PRO A 100 -15.92 19.98 -16.59
C PRO A 100 -14.75 19.08 -16.35
N PHE A 101 -14.91 18.11 -15.44
CA PHE A 101 -13.85 17.19 -15.13
C PHE A 101 -12.67 17.88 -14.41
N ASN A 102 -12.97 19.03 -13.81
CA ASN A 102 -12.00 19.82 -13.08
C ASN A 102 -10.51 19.55 -13.32
N PRO A 103 -10.01 19.90 -14.50
CA PRO A 103 -8.60 19.68 -14.82
C PRO A 103 -7.78 20.71 -14.06
N ILE A 104 -6.47 20.57 -14.11
CA ILE A 104 -5.63 21.57 -13.43
C ILE A 104 -5.27 22.61 -14.47
N LYS A 105 -5.31 23.86 -14.04
CA LYS A 105 -5.03 24.96 -14.93
C LYS A 105 -4.24 25.94 -14.09
N GLN A 106 -3.60 26.92 -14.73
CA GLN A 106 -2.87 27.92 -13.96
C GLN A 106 -3.81 29.04 -13.56
N ASP A 107 -3.67 29.50 -12.33
CA ASP A 107 -4.52 30.57 -11.84
C ASP A 107 -4.20 31.86 -12.58
N ILE A 108 -5.24 32.52 -13.09
CA ILE A 108 -5.10 33.78 -13.84
C ILE A 108 -5.57 34.97 -13.01
N LYS A 109 -4.71 35.97 -12.86
CA LYS A 109 -5.08 37.16 -12.07
C LYS A 109 -6.01 38.06 -12.89
N ASN A 110 -5.48 38.66 -13.96
CA ASN A 110 -6.37 39.46 -14.75
C ASN A 110 -6.57 38.69 -16.02
N GLY A 111 -5.48 38.54 -16.77
CA GLY A 111 -5.50 37.81 -18.02
C GLY A 111 -4.09 37.27 -18.05
N VAL A 112 -3.39 37.58 -16.97
CA VAL A 112 -2.01 37.17 -16.77
C VAL A 112 -1.91 35.99 -15.79
N PRO A 113 -1.14 34.95 -16.14
CA PRO A 113 -0.96 33.80 -15.27
C PRO A 113 -0.29 34.22 -13.95
N ARG A 114 -0.76 33.68 -12.82
CA ARG A 114 -0.23 34.02 -11.50
C ARG A 114 1.00 33.22 -11.05
N PHE A 115 1.85 33.88 -10.26
CA PHE A 115 3.09 33.32 -9.72
C PHE A 115 3.24 33.98 -8.35
N TYR A 116 3.84 33.31 -7.37
CA TYR A 116 4.00 33.91 -6.05
C TYR A 116 5.14 34.90 -6.10
N LYS A 117 4.88 36.12 -5.68
CA LYS A 117 5.89 37.18 -5.67
C LYS A 117 6.89 36.91 -4.53
N HIS A 118 6.38 36.58 -3.35
CA HIS A 118 7.18 36.31 -2.14
C HIS A 118 8.33 35.30 -2.24
N GLY A 119 8.15 34.26 -3.05
CA GLY A 119 9.18 33.27 -3.18
C GLY A 119 8.56 32.01 -3.75
N ASP A 120 9.23 30.87 -3.65
CA ASP A 120 8.65 29.65 -4.18
C ASP A 120 7.98 28.93 -3.03
N MET A 121 7.09 27.99 -3.38
CA MET A 121 6.37 27.16 -2.44
C MET A 121 7.45 26.11 -2.15
N MET A 122 7.83 25.97 -0.90
CA MET A 122 8.93 25.07 -0.57
C MET A 122 8.56 23.63 -0.23
N TRP A 123 7.29 23.32 -0.39
CA TRP A 123 6.82 21.99 -0.11
C TRP A 123 5.83 21.69 -1.22
N ASN A 124 5.51 20.44 -1.49
CA ASN A 124 4.50 20.21 -2.51
C ASN A 124 3.19 20.72 -1.88
N TYR A 125 2.44 21.53 -2.63
CA TYR A 125 1.19 22.12 -2.14
C TYR A 125 0.08 21.64 -3.04
N GLY A 126 -1.05 21.22 -2.45
CA GLY A 126 -2.14 20.72 -3.27
C GLY A 126 -3.43 20.62 -2.52
N ALA A 127 -4.28 19.69 -2.93
CA ALA A 127 -5.56 19.53 -2.25
C ALA A 127 -5.85 18.06 -1.99
N LEU A 128 -6.80 17.76 -1.11
CA LEU A 128 -7.17 16.36 -0.89
C LEU A 128 -8.48 16.17 -1.71
N PRO A 129 -8.59 15.10 -2.53
CA PRO A 129 -9.82 14.96 -3.29
C PRO A 129 -11.04 14.61 -2.46
N GLN A 130 -12.20 14.76 -3.08
CA GLN A 130 -13.50 14.50 -2.43
C GLN A 130 -13.69 15.27 -1.14
N THR A 131 -13.11 16.46 -1.09
CA THR A 131 -13.33 17.31 0.06
C THR A 131 -13.98 18.62 -0.38
N TRP A 132 -14.69 19.24 0.55
CA TRP A 132 -15.32 20.51 0.27
C TRP A 132 -15.46 21.29 1.57
N GLU A 133 -14.90 22.48 1.58
CA GLU A 133 -14.90 23.33 2.75
C GLU A 133 -16.05 24.30 2.49
N SER A 134 -17.26 23.89 2.86
CA SER A 134 -18.48 24.65 2.63
C SER A 134 -18.66 26.02 3.22
N THR A 135 -19.15 26.95 2.39
CA THR A 135 -19.41 28.32 2.90
C THR A 135 -20.57 28.26 3.88
N ASP A 136 -21.41 27.24 3.73
CA ASP A 136 -22.54 27.09 4.62
C ASP A 136 -22.16 26.50 5.97
N VAL A 137 -20.88 26.39 6.29
CA VAL A 137 -20.53 25.83 7.58
C VAL A 137 -19.65 26.83 8.26
N VAL A 138 -19.84 27.00 9.56
CA VAL A 138 -19.10 27.92 10.38
C VAL A 138 -18.15 27.05 11.14
N PHE A 139 -16.84 27.39 11.07
CA PHE A 139 -15.75 26.66 11.74
C PHE A 139 -15.21 27.43 12.91
N GLU A 140 -14.12 26.93 13.48
CA GLU A 140 -13.49 27.57 14.64
C GLU A 140 -13.40 29.10 14.48
N GLY A 141 -13.64 29.83 15.57
CA GLY A 141 -13.60 31.29 15.53
C GLY A 141 -14.71 31.97 14.69
N GLY A 142 -15.72 31.18 14.35
CA GLY A 142 -16.82 31.72 13.58
C GLY A 142 -16.52 32.16 12.16
N TYR A 143 -15.79 31.37 11.40
CA TYR A 143 -15.51 31.73 10.02
C TYR A 143 -16.15 30.69 9.13
N VAL A 144 -16.67 31.08 7.98
CA VAL A 144 -17.28 30.11 7.13
C VAL A 144 -16.26 29.51 6.18
N GLY A 145 -16.66 28.42 5.52
CA GLY A 145 -15.77 27.77 4.59
C GLY A 145 -15.55 28.63 3.38
N ASP A 146 -14.52 28.29 2.59
CA ASP A 146 -14.09 29.02 1.40
C ASP A 146 -14.48 28.36 0.10
N ASN A 147 -15.42 27.45 0.17
CA ASN A 147 -15.86 26.77 -1.02
C ASN A 147 -14.89 26.07 -1.94
N ASP A 148 -13.85 25.47 -1.39
CA ASP A 148 -12.87 24.74 -2.20
C ASP A 148 -12.51 23.47 -1.52
N PRO A 149 -11.74 22.61 -2.20
CA PRO A 149 -11.32 21.34 -1.63
C PRO A 149 -10.39 21.70 -0.47
N ILE A 150 -10.11 20.76 0.44
CA ILE A 150 -9.20 21.06 1.55
C ILE A 150 -7.76 21.26 1.03
N ASP A 151 -7.00 22.15 1.65
CA ASP A 151 -5.63 22.36 1.20
C ASP A 151 -4.67 21.48 1.96
N ALA A 152 -3.64 21.07 1.25
CA ALA A 152 -2.67 20.22 1.88
C ALA A 152 -1.30 20.63 1.42
N ILE A 153 -0.38 20.52 2.37
CA ILE A 153 1.02 20.75 2.19
C ILE A 153 1.73 19.43 2.55
N GLU A 154 2.27 18.70 1.56
CA GLU A 154 3.02 17.45 1.86
C GLU A 154 4.47 17.83 2.09
N ILE A 155 5.06 17.41 3.20
CA ILE A 155 6.40 17.83 3.55
C ILE A 155 7.62 16.95 3.28
N GLY A 156 7.48 15.91 2.46
CA GLY A 156 8.64 15.06 2.21
C GLY A 156 9.77 15.65 1.35
N MET A 157 10.90 14.99 1.38
CA MET A 157 12.02 15.44 0.62
C MET A 157 11.80 15.52 -0.87
N THR A 158 11.10 14.56 -1.45
CA THR A 158 10.83 14.48 -2.89
C THR A 158 9.77 15.40 -3.51
N GLN A 159 10.06 15.97 -4.68
CA GLN A 159 9.14 16.87 -5.35
C GLN A 159 8.21 16.22 -6.36
N PHE A 160 6.93 16.53 -6.22
CA PHE A 160 5.89 16.00 -7.12
C PHE A 160 5.78 16.82 -8.42
N LYS A 161 5.37 16.19 -9.51
CA LYS A 161 5.18 16.93 -10.73
C LYS A 161 3.83 17.64 -10.62
N VAL A 162 3.54 18.58 -11.49
CA VAL A 162 2.26 19.23 -11.36
C VAL A 162 1.17 18.21 -11.64
N GLY A 163 0.14 18.21 -10.78
CA GLY A 163 -0.97 17.29 -10.93
C GLY A 163 -0.71 15.84 -10.55
N GLN A 164 0.44 15.58 -9.93
CA GLN A 164 0.80 14.22 -9.52
C GLN A 164 0.00 13.79 -8.29
N VAL A 165 -0.45 12.54 -8.21
CA VAL A 165 -1.23 12.10 -7.05
C VAL A 165 -0.47 11.02 -6.26
N GLY A 166 -0.57 11.06 -4.94
CA GLY A 166 0.13 10.06 -4.18
C GLY A 166 -0.44 9.91 -2.80
N ALA A 167 -0.19 8.75 -2.19
CA ALA A 167 -0.68 8.45 -0.86
C ALA A 167 0.12 9.19 0.20
N VAL A 168 -0.54 9.84 1.15
CA VAL A 168 0.20 10.58 2.15
C VAL A 168 -0.37 10.26 3.50
N LYS A 169 0.39 10.48 4.56
CA LYS A 169 -0.09 10.23 5.90
C LYS A 169 -0.42 11.61 6.49
N VAL A 170 -1.60 11.79 7.06
CA VAL A 170 -1.96 13.08 7.62
C VAL A 170 -1.36 13.24 9.03
N LEU A 171 -0.70 14.36 9.28
CA LEU A 171 -0.01 14.64 10.54
C LEU A 171 -0.51 15.78 11.36
N GLY A 172 -1.33 16.67 10.81
CA GLY A 172 -1.78 17.79 11.62
C GLY A 172 -2.44 18.85 10.75
N ILE A 173 -2.77 20.00 11.33
CA ILE A 173 -3.43 20.97 10.51
C ILE A 173 -3.24 22.39 11.04
N LEU A 174 -3.34 23.36 10.13
CA LEU A 174 -3.19 24.77 10.46
C LEU A 174 -4.43 25.54 10.02
N GLY A 175 -5.01 26.32 10.93
CA GLY A 175 -6.18 27.07 10.55
C GLY A 175 -5.87 28.47 10.10
N MET A 176 -5.71 28.68 8.81
CA MET A 176 -5.40 30.04 8.37
C MET A 176 -6.65 30.74 7.88
N ILE A 177 -6.81 32.01 8.19
CA ILE A 177 -7.96 32.72 7.68
C ILE A 177 -7.52 33.38 6.38
N ASP A 178 -8.25 33.14 5.30
CA ASP A 178 -7.93 33.73 4.02
C ASP A 178 -9.17 34.42 3.47
N ASP A 179 -9.13 35.75 3.52
CA ASP A 179 -10.20 36.63 3.03
C ASP A 179 -11.53 36.43 3.74
N GLY A 180 -11.44 36.41 5.07
CA GLY A 180 -12.60 36.26 5.92
C GLY A 180 -13.11 34.84 6.11
N GLN A 181 -12.68 33.95 5.21
CA GLN A 181 -13.11 32.58 5.31
C GLN A 181 -12.03 31.72 5.96
N MET A 182 -12.42 30.49 6.32
CA MET A 182 -11.56 29.49 6.93
C MET A 182 -10.79 28.87 5.79
N ASP A 183 -9.51 28.60 6.00
CA ASP A 183 -8.72 27.94 4.95
C ASP A 183 -7.78 26.96 5.62
N TRP A 184 -8.20 25.71 5.72
CA TRP A 184 -7.34 24.75 6.40
C TRP A 184 -6.13 24.37 5.56
N LYS A 185 -5.01 24.19 6.22
CA LYS A 185 -3.79 23.72 5.56
C LYS A 185 -3.48 22.42 6.28
N VAL A 186 -3.78 21.28 5.63
CA VAL A 186 -3.52 19.97 6.20
C VAL A 186 -2.03 19.67 5.99
N ILE A 187 -1.33 19.28 7.05
CA ILE A 187 0.09 18.93 6.99
C ILE A 187 0.22 17.40 6.83
N CYS A 188 0.80 16.92 5.73
CA CYS A 188 0.98 15.48 5.50
C CYS A 188 2.36 15.14 4.92
N ILE A 189 2.67 13.85 4.73
CA ILE A 189 3.97 13.41 4.20
C ILE A 189 3.77 12.17 3.37
N SER A 190 4.40 12.11 2.20
CA SER A 190 4.22 10.92 1.36
C SER A 190 4.51 9.57 2.05
N HIS A 191 3.65 8.58 1.88
CA HIS A 191 3.88 7.27 2.50
C HIS A 191 5.20 6.69 1.98
N ASN A 192 5.82 7.30 0.94
CA ASN A 192 7.11 6.83 0.38
C ASN A 192 8.35 7.53 0.90
N ASP A 193 8.19 8.52 1.74
CA ASP A 193 9.34 9.23 2.21
C ASP A 193 10.13 8.42 3.20
N PRO A 194 11.45 8.53 3.18
CA PRO A 194 12.18 7.73 4.15
C PRO A 194 11.78 7.94 5.61
N ILE A 195 11.32 9.12 6.01
CA ILE A 195 10.95 9.20 7.43
C ILE A 195 9.44 9.17 7.75
N CYS A 196 8.62 8.78 6.79
CA CYS A 196 7.22 8.75 7.03
C CYS A 196 6.86 7.91 8.22
N ARG A 197 7.54 6.80 8.37
CA ARG A 197 7.26 5.90 9.47
C ARG A 197 7.73 6.37 10.81
N PHE A 198 8.59 7.37 10.87
CA PHE A 198 8.96 7.79 12.20
C PHE A 198 8.17 9.02 12.63
N LEU A 199 7.40 9.58 11.71
CA LEU A 199 6.56 10.73 12.00
C LEU A 199 5.15 10.29 12.49
N LYS A 200 4.93 10.20 13.80
CA LYS A 200 3.63 9.75 14.29
C LYS A 200 2.52 10.78 14.36
N ASP A 201 2.86 11.97 14.79
CA ASP A 201 1.87 13.02 14.90
C ASP A 201 2.59 14.36 14.68
N ILE A 202 1.83 15.44 14.61
CA ILE A 202 2.39 16.75 14.40
C ILE A 202 3.54 17.12 15.31
N HIS A 203 3.61 16.61 16.54
CA HIS A 203 4.71 17.02 17.42
C HIS A 203 6.03 16.38 17.11
N ASP A 204 6.04 15.53 16.10
CA ASP A 204 7.26 14.86 15.72
C ASP A 204 7.98 15.59 14.62
N VAL A 205 7.25 16.49 13.96
CA VAL A 205 7.85 17.21 12.87
C VAL A 205 9.07 17.99 13.36
N PRO A 206 8.92 18.75 14.45
CA PRO A 206 10.06 19.50 14.96
C PRO A 206 11.28 18.62 15.28
N LYS A 207 11.04 17.38 15.71
CA LYS A 207 12.11 16.44 16.03
C LYS A 207 12.83 15.94 14.78
N PHE A 208 12.15 15.69 13.69
CA PHE A 208 12.85 15.20 12.52
C PHE A 208 13.11 16.22 11.42
N LEU A 209 12.30 17.26 11.33
CA LEU A 209 12.48 18.30 10.36
C LEU A 209 12.39 19.60 11.11
N PRO A 210 13.37 19.87 11.97
CA PRO A 210 13.32 21.14 12.71
C PRO A 210 13.21 22.30 11.71
N GLY A 211 12.47 23.34 12.09
CA GLY A 211 12.27 24.49 11.24
C GLY A 211 11.07 24.38 10.33
N CYS A 212 10.80 23.19 9.84
CA CYS A 212 9.71 22.98 8.93
C CYS A 212 8.37 23.64 9.28
N LEU A 213 7.79 23.32 10.43
CA LEU A 213 6.51 23.95 10.78
C LEU A 213 6.58 25.48 10.91
N ASP A 214 7.66 26.02 11.51
CA ASP A 214 7.84 27.49 11.62
C ASP A 214 7.88 28.10 10.25
N ALA A 215 8.66 27.50 9.37
CA ALA A 215 8.74 27.98 8.01
C ALA A 215 7.41 27.89 7.25
N ILE A 216 6.53 26.95 7.61
CA ILE A 216 5.22 26.84 6.94
C ILE A 216 4.32 27.96 7.48
N HIS A 217 4.33 28.14 8.78
CA HIS A 217 3.53 29.16 9.41
C HIS A 217 3.92 30.51 8.83
N GLU A 218 5.22 30.78 8.82
CA GLU A 218 5.71 32.03 8.33
C GLU A 218 5.38 32.33 6.90
N TRP A 219 5.61 31.38 6.00
CA TRP A 219 5.36 31.65 4.60
C TRP A 219 3.90 31.97 4.43
N PHE A 220 3.02 31.15 4.99
CA PHE A 220 1.59 31.43 4.86
C PHE A 220 1.15 32.71 5.56
N ARG A 221 1.80 33.05 6.67
CA ARG A 221 1.46 34.29 7.34
C ARG A 221 1.85 35.58 6.62
N VAL A 222 2.79 35.53 5.68
CA VAL A 222 3.24 36.80 5.09
C VAL A 222 3.27 36.85 3.57
N TYR A 223 3.11 35.71 2.96
CA TYR A 223 3.20 35.67 1.52
C TYR A 223 2.37 36.66 0.74
N LYS A 224 1.36 37.24 1.36
CA LYS A 224 0.53 38.21 0.67
C LYS A 224 0.99 39.67 0.85
N ILE A 225 1.71 39.97 1.94
CA ILE A 225 2.19 41.32 2.20
C ILE A 225 2.92 41.96 1.01
N CYS A 226 3.92 41.26 0.51
CA CYS A 226 4.68 41.78 -0.61
C CYS A 226 3.81 42.11 -1.82
N GLN A 227 2.73 41.39 -2.02
CA GLN A 227 1.92 41.69 -3.18
C GLN A 227 0.96 42.83 -2.83
N GLY A 228 1.23 43.48 -1.70
CA GLY A 228 0.38 44.60 -1.29
C GLY A 228 -0.55 44.39 -0.09
N GLY A 229 -1.07 43.17 0.09
CA GLY A 229 -1.99 42.88 1.19
C GLY A 229 -1.44 42.94 2.61
N VAL A 230 -2.16 42.31 3.54
CA VAL A 230 -1.73 42.29 4.94
C VAL A 230 -1.29 40.89 5.42
N GLU A 231 -0.74 40.83 6.61
CA GLU A 231 -0.38 39.52 7.09
C GLU A 231 -1.68 38.76 7.15
N ASN A 232 -1.58 37.46 7.37
CA ASN A 232 -2.72 36.59 7.46
C ASN A 232 -2.98 36.17 8.89
N LYS A 233 -4.26 36.01 9.18
CA LYS A 233 -4.72 35.62 10.51
C LYS A 233 -4.83 34.10 10.69
N PHE A 234 -4.68 33.64 11.92
CA PHE A 234 -4.75 32.21 12.17
C PHE A 234 -5.66 31.83 13.34
N VAL A 235 -6.35 30.68 13.31
CA VAL A 235 -7.13 30.32 14.50
C VAL A 235 -6.20 29.53 15.47
N PHE A 236 -6.66 29.21 16.67
CA PHE A 236 -5.81 28.50 17.63
C PHE A 236 -4.47 29.20 17.83
N ASN A 237 -4.37 30.45 17.43
CA ASN A 237 -3.10 31.17 17.60
C ASN A 237 -1.98 30.71 16.70
N GLY A 238 -2.28 30.42 15.45
CA GLY A 238 -1.22 29.97 14.57
C GLY A 238 -0.62 28.66 14.98
N GLU A 239 -1.28 27.94 15.89
CA GLU A 239 -0.82 26.63 16.35
C GLU A 239 -1.20 25.49 15.38
N PHE A 240 -0.35 24.47 15.30
CA PHE A 240 -0.68 23.35 14.43
C PHE A 240 -1.43 22.31 15.30
N LYS A 241 -2.64 21.95 14.92
CA LYS A 241 -3.38 20.95 15.67
C LYS A 241 -2.86 19.59 15.20
N ASP A 242 -3.02 18.56 16.02
CA ASP A 242 -2.55 17.21 15.70
C ASP A 242 -3.37 16.42 14.68
N LYS A 243 -2.91 15.19 14.38
CA LYS A 243 -3.59 14.41 13.37
C LYS A 243 -5.00 14.01 13.71
N SER A 244 -5.33 13.91 14.99
CA SER A 244 -6.69 13.53 15.28
C SER A 244 -7.59 14.68 14.87
N PHE A 245 -7.26 15.88 15.32
CA PHE A 245 -8.08 17.01 14.94
C PHE A 245 -8.17 17.16 13.44
N ALA A 246 -7.03 16.99 12.79
CA ALA A 246 -6.93 17.16 11.37
C ALA A 246 -7.80 16.18 10.64
N MET A 247 -7.86 14.93 11.13
CA MET A 247 -8.69 13.89 10.49
C MET A 247 -10.22 14.18 10.65
N LYS A 248 -10.62 14.76 11.78
CA LYS A 248 -11.99 15.13 11.99
C LYS A 248 -12.32 16.24 10.95
N VAL A 249 -11.48 17.28 10.85
CA VAL A 249 -11.73 18.32 9.86
C VAL A 249 -11.85 17.68 8.45
N ILE A 250 -10.99 16.71 8.12
CA ILE A 250 -11.07 16.05 6.82
C ILE A 250 -12.37 15.23 6.66
N ASP A 251 -12.83 14.56 7.73
CA ASP A 251 -14.08 13.80 7.69
C ASP A 251 -15.22 14.79 7.40
N GLU A 252 -15.28 15.88 8.17
CA GLU A 252 -16.36 16.85 7.98
C GLU A 252 -16.38 17.27 6.55
N SER A 253 -15.19 17.54 6.05
CA SER A 253 -15.02 17.97 4.69
C SER A 253 -15.50 16.99 3.61
N HIS A 254 -15.27 15.70 3.85
CA HIS A 254 -15.67 14.63 2.93
C HIS A 254 -17.20 14.41 2.97
N TYR A 255 -17.79 14.67 4.13
CA TYR A 255 -19.20 14.55 4.34
C TYR A 255 -19.81 15.64 3.50
N MET A 256 -19.40 16.87 3.73
CA MET A 256 -19.94 17.99 2.96
C MET A 256 -19.75 17.77 1.47
N TRP A 257 -18.61 17.25 1.08
CA TRP A 257 -18.41 16.96 -0.32
C TRP A 257 -19.50 16.00 -0.82
N GLY A 258 -19.86 15.03 0.02
CA GLY A 258 -20.88 14.05 -0.32
C GLY A 258 -22.23 14.71 -0.58
N ASN A 259 -22.60 15.67 0.27
CA ASN A 259 -23.85 16.40 0.09
C ASN A 259 -23.80 17.19 -1.18
N LEU A 260 -22.70 17.90 -1.38
CA LEU A 260 -22.50 18.69 -2.58
C LEU A 260 -22.88 17.93 -3.84
N ARG A 261 -22.47 16.67 -3.94
CA ARG A 261 -22.81 15.89 -5.14
C ARG A 261 -24.29 15.52 -5.26
N LYS A 262 -24.88 15.15 -4.12
CA LYS A 262 -26.31 14.78 -3.98
C LYS A 262 -27.25 15.91 -4.39
N ILE A 263 -26.77 17.15 -4.41
CA ILE A 263 -27.57 18.30 -4.82
C ILE A 263 -27.41 18.58 -6.32
N PHE B 7 -19.90 25.05 -9.99
CA PHE B 7 -19.06 23.83 -9.84
C PHE B 7 -19.37 22.73 -10.79
N SER B 8 -18.44 22.39 -11.67
CA SER B 8 -18.70 21.30 -12.59
C SER B 8 -18.68 20.01 -11.75
N MET B 9 -19.73 19.20 -11.89
CA MET B 9 -19.85 17.94 -11.18
C MET B 9 -19.69 16.78 -12.13
N VAL B 10 -19.40 17.07 -13.39
CA VAL B 10 -19.20 16.02 -14.39
C VAL B 10 -18.12 15.08 -13.82
N SER B 11 -18.55 13.85 -13.53
CA SER B 11 -17.71 12.79 -12.97
C SER B 11 -18.10 11.42 -13.54
N VAL B 12 -17.12 10.52 -13.65
CA VAL B 12 -17.39 9.17 -14.18
C VAL B 12 -17.99 8.30 -13.08
N ASP B 13 -19.31 8.30 -12.96
CA ASP B 13 -20.00 7.51 -11.92
C ASP B 13 -19.54 6.06 -11.83
N PHE B 14 -18.36 5.84 -11.25
CA PHE B 14 -17.81 4.49 -11.08
C PHE B 14 -18.08 3.98 -9.67
N ALA B 15 -19.28 3.48 -9.46
CA ALA B 15 -19.72 2.97 -8.16
C ALA B 15 -18.75 1.93 -7.59
N VAL B 16 -18.26 2.22 -6.38
CA VAL B 16 -17.37 1.30 -5.70
C VAL B 16 -18.29 0.17 -5.23
N PRO B 17 -18.08 -1.06 -5.74
CA PRO B 17 -18.93 -2.18 -5.34
C PRO B 17 -18.68 -2.68 -3.89
N TYR B 18 -18.20 -3.92 -3.79
CA TYR B 18 -17.91 -4.58 -2.53
C TYR B 18 -17.34 -3.71 -1.40
N HIS B 19 -17.44 -4.22 -0.17
CA HIS B 19 -16.94 -3.54 1.02
C HIS B 19 -15.54 -4.05 1.27
N GLN B 20 -14.69 -3.21 1.83
CA GLN B 20 -13.32 -3.62 2.10
C GLN B 20 -13.37 -4.56 3.27
N GLN B 21 -12.45 -5.51 3.32
CA GLN B 21 -12.45 -6.48 4.40
C GLN B 21 -11.23 -6.33 5.26
N GLN B 22 -11.37 -6.60 6.54
CA GLN B 22 -10.23 -6.55 7.43
C GLN B 22 -9.83 -7.97 7.83
N LEU B 23 -8.60 -8.34 7.54
CA LEU B 23 -8.15 -9.68 7.88
C LEU B 23 -7.99 -9.70 9.38
N LEU B 24 -8.45 -10.79 10.02
CA LEU B 24 -8.34 -10.98 11.48
C LEU B 24 -7.79 -12.34 11.71
N THR B 25 -7.10 -12.56 12.82
CA THR B 25 -6.66 -13.91 13.10
C THR B 25 -7.00 -14.18 14.56
N ARG B 26 -7.17 -15.45 14.91
CA ARG B 26 -7.48 -15.85 16.27
C ARG B 26 -6.69 -17.10 16.51
N GLU B 27 -6.39 -17.39 17.77
CA GLU B 27 -5.67 -18.61 18.13
C GLU B 27 -6.55 -19.51 19.01
N THR B 28 -6.38 -20.82 18.86
CA THR B 28 -7.09 -21.77 19.69
C THR B 28 -6.07 -22.86 19.94
N GLY B 29 -6.23 -23.60 21.03
CA GLY B 29 -5.30 -24.66 21.35
C GLY B 29 -4.10 -24.16 22.13
N GLU B 30 -3.21 -25.06 22.49
CA GLU B 30 -2.06 -24.69 23.26
C GLU B 30 -0.82 -24.63 22.39
N LEU B 31 -0.22 -23.44 22.30
CA LEU B 31 0.97 -23.22 21.50
C LEU B 31 2.03 -24.29 21.77
N TYR B 32 2.72 -24.75 20.73
CA TYR B 32 3.74 -25.82 20.80
C TYR B 32 3.21 -27.24 21.03
N THR B 33 1.90 -27.36 21.21
CA THR B 33 1.27 -28.67 21.36
C THR B 33 0.54 -28.90 20.02
N PRO B 34 -0.03 -30.10 19.82
CA PRO B 34 -0.74 -30.33 18.55
C PRO B 34 -2.10 -29.68 18.41
N SER B 35 -2.59 -28.94 19.41
CA SER B 35 -3.93 -28.38 19.22
C SER B 35 -3.95 -26.92 18.80
N TYR B 36 -2.78 -26.29 18.80
CA TYR B 36 -2.60 -24.90 18.42
C TYR B 36 -3.04 -24.71 17.00
N ARG B 37 -3.76 -23.64 16.74
CA ARG B 37 -4.25 -23.34 15.39
C ARG B 37 -4.38 -21.83 15.24
N VAL B 38 -4.07 -21.28 14.08
CA VAL B 38 -4.32 -19.86 13.92
C VAL B 38 -5.44 -19.74 12.86
N LEU B 39 -6.59 -19.22 13.23
CA LEU B 39 -7.69 -19.08 12.27
C LEU B 39 -7.78 -17.70 11.65
N TYR B 40 -8.28 -17.61 10.41
CA TYR B 40 -8.43 -16.33 9.75
C TYR B 40 -9.88 -15.98 9.56
N TYR B 41 -10.16 -14.67 9.55
CA TYR B 41 -11.51 -14.15 9.37
C TYR B 41 -11.48 -12.82 8.63
N PHE B 42 -12.59 -12.48 8.00
CA PHE B 42 -12.76 -11.22 7.32
C PHE B 42 -13.80 -10.45 8.15
N ARG B 43 -13.58 -9.17 8.39
CA ARG B 43 -14.57 -8.38 9.12
C ARG B 43 -14.96 -7.35 8.11
N ASP B 44 -16.18 -7.36 7.64
CA ASP B 44 -16.59 -6.38 6.66
C ASP B 44 -16.36 -5.00 7.32
N MET B 45 -15.77 -4.06 6.60
CA MET B 45 -15.50 -2.77 7.22
C MET B 45 -16.67 -1.81 7.34
N GLU B 46 -17.75 -2.09 6.61
CA GLU B 46 -18.96 -1.27 6.68
C GLU B 46 -19.85 -1.90 7.73
N THR B 47 -20.36 -3.08 7.38
CA THR B 47 -21.27 -3.90 8.17
C THR B 47 -20.79 -4.52 9.50
N GLY B 48 -19.49 -4.75 9.66
CA GLY B 48 -19.00 -5.35 10.90
C GLY B 48 -19.10 -6.87 10.98
N LYS B 49 -19.69 -7.49 9.95
CA LYS B 49 -19.88 -8.93 9.87
C LYS B 49 -18.58 -9.69 9.67
N GLU B 50 -18.40 -10.76 10.44
CA GLU B 50 -17.21 -11.58 10.34
C GLU B 50 -17.53 -12.97 9.76
N LEU B 51 -16.60 -13.48 8.97
CA LEU B 51 -16.75 -14.76 8.33
C LEU B 51 -15.42 -15.43 8.37
N GLN B 52 -15.37 -16.72 8.66
CA GLN B 52 -14.07 -17.37 8.64
C GLN B 52 -13.67 -17.52 7.17
N VAL B 53 -12.39 -17.28 6.87
CA VAL B 53 -11.91 -17.39 5.49
C VAL B 53 -10.69 -18.30 5.50
N SER B 54 -10.17 -18.62 4.33
CA SER B 54 -8.98 -19.46 4.26
C SER B 54 -7.76 -18.64 3.88
N PRO B 55 -6.73 -18.60 4.73
CA PRO B 55 -5.55 -17.80 4.37
C PRO B 55 -5.03 -18.15 2.99
N TRP B 56 -5.20 -19.40 2.56
CA TRP B 56 -4.73 -19.83 1.26
C TRP B 56 -5.63 -19.46 0.06
N HIS B 57 -6.92 -19.71 0.14
CA HIS B 57 -7.76 -19.41 -1.01
C HIS B 57 -8.33 -17.99 -1.04
N ASP B 58 -8.59 -17.47 0.14
CA ASP B 58 -9.23 -16.17 0.25
C ASP B 58 -8.45 -14.87 0.38
N ILE B 59 -7.13 -14.94 0.52
CA ILE B 59 -6.33 -13.75 0.68
C ILE B 59 -5.73 -13.56 -0.67
N PRO B 60 -5.97 -12.42 -1.29
CA PRO B 60 -5.46 -12.04 -2.61
C PRO B 60 -3.96 -12.24 -2.78
N LEU B 61 -3.53 -12.90 -3.85
CA LEU B 61 -2.11 -13.06 -4.08
C LEU B 61 -1.55 -11.69 -4.47
N TYR B 62 -2.34 -10.91 -5.21
CA TYR B 62 -1.90 -9.60 -5.69
C TYR B 62 -2.48 -8.49 -4.83
N VAL B 63 -1.64 -7.58 -4.36
CA VAL B 63 -2.18 -6.50 -3.54
C VAL B 63 -2.62 -5.36 -4.45
N ARG B 64 -3.90 -5.03 -4.40
CA ARG B 64 -4.46 -3.97 -5.25
C ARG B 64 -5.40 -3.02 -4.54
N ASP B 65 -5.36 -1.76 -4.90
CA ASP B 65 -6.35 -0.86 -4.31
C ASP B 65 -7.30 -0.50 -5.48
N LEU B 66 -8.42 0.12 -5.15
CA LEU B 66 -9.40 0.46 -6.16
C LEU B 66 -8.87 1.27 -7.33
N VAL B 67 -8.20 2.40 -7.05
CA VAL B 67 -7.65 3.27 -8.11
C VAL B 67 -6.14 3.35 -7.96
N ARG B 68 -5.38 2.83 -8.92
CA ARG B 68 -3.93 2.87 -8.82
C ARG B 68 -3.42 4.23 -9.24
N THR B 69 -2.74 4.94 -8.35
CA THR B 69 -2.24 6.26 -8.70
C THR B 69 -0.75 6.23 -9.04
N LYS B 70 -0.13 5.05 -9.02
CA LYS B 70 1.31 4.96 -9.36
C LYS B 70 1.42 5.05 -10.87
N PRO B 71 2.59 5.45 -11.40
CA PRO B 71 2.82 5.57 -12.84
C PRO B 71 2.39 4.35 -13.61
N ALA B 72 1.55 4.52 -14.63
CA ALA B 72 1.14 3.35 -15.37
C ALA B 72 2.37 2.68 -15.93
N SER B 73 3.47 3.42 -16.02
CA SER B 73 4.69 2.85 -16.57
C SER B 73 5.43 2.00 -15.56
N LEU B 74 5.21 2.26 -14.27
CA LEU B 74 5.87 1.51 -13.19
C LEU B 74 5.19 0.15 -13.04
N PRO B 75 5.96 -0.94 -13.20
CA PRO B 75 5.37 -2.29 -13.08
C PRO B 75 4.92 -2.64 -11.67
N MET B 76 3.95 -3.54 -11.58
CA MET B 76 3.45 -3.99 -10.30
C MET B 76 4.29 -5.09 -9.68
N ASN B 77 4.49 -4.98 -8.37
CA ASN B 77 5.21 -5.99 -7.61
C ASN B 77 4.83 -5.83 -6.12
N ARG B 78 3.60 -6.17 -5.75
CA ARG B 78 3.14 -6.13 -4.36
C ARG B 78 2.29 -7.38 -4.17
N TYR B 79 2.87 -8.39 -3.52
CA TYR B 79 2.22 -9.66 -3.28
C TYR B 79 1.96 -9.82 -1.79
N ASN B 80 1.00 -10.65 -1.42
CA ASN B 80 0.79 -10.88 -0.02
C ASN B 80 1.67 -12.05 0.35
N PHE B 81 2.06 -12.09 1.60
CA PHE B 81 2.93 -13.11 2.15
C PHE B 81 2.37 -13.54 3.52
N ILE B 82 2.22 -14.85 3.69
CA ILE B 82 1.72 -15.45 4.93
C ILE B 82 2.89 -16.07 5.69
N CYS B 83 3.31 -15.44 6.79
CA CYS B 83 4.41 -15.94 7.57
C CYS B 83 3.95 -17.15 8.34
N GLU B 84 4.73 -18.23 8.27
CA GLU B 84 4.43 -19.45 8.99
C GLU B 84 5.46 -19.63 10.09
N ILE B 85 6.74 -19.48 9.74
CA ILE B 85 7.82 -19.61 10.72
C ILE B 85 8.53 -18.25 10.91
N PRO B 86 8.22 -17.53 12.01
CA PRO B 86 8.89 -16.25 12.19
C PRO B 86 10.41 -16.28 12.27
N LYS B 87 10.99 -15.13 11.94
CA LYS B 87 12.41 -14.90 11.93
C LYS B 87 12.88 -15.24 13.34
N TRP B 88 14.05 -15.88 13.43
CA TRP B 88 14.71 -16.30 14.67
C TRP B 88 13.98 -17.38 15.46
N THR B 89 13.22 -18.22 14.78
CA THR B 89 12.54 -19.28 15.51
C THR B 89 12.73 -20.61 14.81
N ARG B 90 12.30 -21.69 15.48
CA ARG B 90 12.44 -23.01 14.88
C ARG B 90 11.23 -23.94 14.95
N ALA B 91 10.11 -23.53 15.52
CA ALA B 91 8.95 -24.42 15.49
C ALA B 91 8.43 -24.38 14.04
N LYS B 92 8.40 -25.53 13.36
CA LYS B 92 7.92 -25.59 11.98
C LYS B 92 6.41 -25.58 11.96
N PHE B 93 5.82 -24.46 11.57
CA PHE B 93 4.38 -24.32 11.49
C PHE B 93 4.07 -24.41 10.03
N GLU B 94 2.80 -24.54 9.69
CA GLU B 94 2.41 -24.64 8.28
C GLU B 94 0.93 -24.43 8.07
N ILE B 95 0.55 -24.18 6.83
CA ILE B 95 -0.86 -24.03 6.54
C ILE B 95 -1.43 -25.46 6.45
N ALA B 96 -2.52 -25.75 7.14
CA ALA B 96 -3.12 -27.10 7.04
C ALA B 96 -3.97 -27.15 5.75
N THR B 97 -3.32 -27.52 4.63
CA THR B 97 -4.02 -27.59 3.35
C THR B 97 -5.13 -28.65 3.40
N GLY B 98 -5.13 -29.50 4.44
CA GLY B 98 -6.13 -30.53 4.60
C GLY B 98 -7.34 -30.18 5.44
N GLU B 99 -7.17 -29.27 6.40
CA GLU B 99 -8.26 -28.86 7.27
C GLU B 99 -9.11 -27.74 6.64
N PRO B 100 -10.41 -27.71 6.95
CA PRO B 100 -11.36 -26.72 6.45
C PRO B 100 -10.91 -25.33 6.78
N PHE B 101 -10.89 -24.42 5.83
CA PHE B 101 -10.44 -23.04 6.11
C PHE B 101 -8.94 -22.92 6.39
N ASN B 102 -8.19 -23.91 5.94
CA ASN B 102 -6.75 -23.95 6.05
C ASN B 102 -6.03 -23.08 7.10
N PRO B 103 -6.29 -23.31 8.40
CA PRO B 103 -5.66 -22.55 9.48
C PRO B 103 -4.22 -22.97 9.61
N ILE B 104 -3.45 -22.23 10.40
CA ILE B 104 -2.06 -22.60 10.57
C ILE B 104 -1.97 -23.52 11.74
N LYS B 105 -1.20 -24.59 11.56
CA LYS B 105 -1.01 -25.55 12.62
C LYS B 105 0.47 -25.90 12.69
N GLN B 106 0.93 -26.44 13.81
CA GLN B 106 2.32 -26.84 13.90
C GLN B 106 2.41 -28.24 13.33
N ASP B 107 3.45 -28.45 12.54
CA ASP B 107 3.64 -29.70 11.89
C ASP B 107 4.01 -30.78 12.88
N ILE B 108 3.52 -32.00 12.64
CA ILE B 108 3.84 -33.10 13.54
C ILE B 108 4.74 -34.12 12.84
N LYS B 109 5.96 -34.28 13.35
CA LYS B 109 6.98 -35.19 12.79
C LYS B 109 6.70 -36.63 13.15
N ASN B 110 6.42 -36.87 14.42
CA ASN B 110 6.12 -38.22 14.85
C ASN B 110 4.67 -38.18 15.32
N GLY B 111 4.52 -37.72 16.56
CA GLY B 111 3.23 -37.54 17.19
C GLY B 111 3.61 -36.31 17.99
N VAL B 112 4.90 -36.04 17.86
CA VAL B 112 5.59 -34.92 18.48
C VAL B 112 5.62 -33.70 17.52
N PRO B 113 5.34 -32.48 18.03
CA PRO B 113 5.38 -31.27 17.22
C PRO B 113 6.83 -31.02 16.78
N ARG B 114 7.02 -30.79 15.49
CA ARG B 114 8.33 -30.57 14.90
C ARG B 114 8.97 -29.16 15.07
N PHE B 115 10.31 -29.16 15.19
CA PHE B 115 11.17 -27.97 15.37
C PHE B 115 12.44 -28.26 14.57
N TYR B 116 13.11 -27.27 14.01
CA TYR B 116 14.33 -27.58 13.26
C TYR B 116 15.49 -27.96 14.17
N LYS B 117 16.20 -29.03 13.85
CA LYS B 117 17.33 -29.44 14.67
C LYS B 117 18.58 -28.57 14.36
N HIS B 118 18.75 -28.23 13.08
CA HIS B 118 19.88 -27.46 12.59
C HIS B 118 20.17 -26.06 13.20
N GLY B 119 19.11 -25.36 13.58
CA GLY B 119 19.27 -24.03 14.12
C GLY B 119 17.94 -23.37 13.88
N ASP B 120 17.89 -22.04 13.80
CA ASP B 120 16.62 -21.37 13.58
C ASP B 120 16.44 -20.92 12.16
N MET B 121 15.19 -20.57 11.86
CA MET B 121 14.84 -20.01 10.57
C MET B 121 15.28 -18.55 10.87
N MET B 122 16.17 -18.02 10.05
CA MET B 122 16.70 -16.69 10.24
C MET B 122 16.01 -15.57 9.44
N TRP B 123 14.95 -15.93 8.73
CA TRP B 123 14.25 -14.96 7.94
C TRP B 123 12.78 -15.35 8.11
N ASN B 124 11.86 -14.46 7.80
CA ASN B 124 10.48 -14.86 7.93
C ASN B 124 10.22 -15.84 6.79
N TYR B 125 9.71 -17.02 7.12
CA TYR B 125 9.44 -18.08 6.17
C TYR B 125 7.96 -18.41 6.08
N GLY B 126 7.46 -18.48 4.84
CA GLY B 126 6.06 -18.78 4.65
C GLY B 126 5.67 -19.11 3.22
N ALA B 127 4.42 -18.82 2.89
CA ALA B 127 3.88 -19.11 1.58
C ALA B 127 3.17 -17.92 0.96
N LEU B 128 2.93 -18.01 -0.35
CA LEU B 128 2.18 -16.96 -1.02
C LEU B 128 0.77 -17.53 -1.16
N PRO B 129 -0.25 -16.75 -0.80
CA PRO B 129 -1.58 -17.33 -0.96
C PRO B 129 -1.97 -17.45 -2.44
N GLN B 130 -3.03 -18.23 -2.69
CA GLN B 130 -3.56 -18.49 -4.03
C GLN B 130 -2.51 -18.99 -5.02
N THR B 131 -1.60 -19.82 -4.52
CA THR B 131 -0.65 -20.40 -5.40
C THR B 131 -0.70 -21.89 -5.16
N TRP B 132 -0.25 -22.66 -6.15
CA TRP B 132 -0.19 -24.11 -6.06
C TRP B 132 0.91 -24.63 -6.96
N GLU B 133 1.81 -25.40 -6.39
CA GLU B 133 2.90 -25.92 -7.16
C GLU B 133 2.48 -27.36 -7.38
N SER B 134 1.80 -27.61 -8.49
CA SER B 134 1.25 -28.93 -8.82
C SER B 134 2.21 -30.05 -9.14
N THR B 135 1.82 -31.26 -8.75
CA THR B 135 2.65 -32.41 -9.05
C THR B 135 2.50 -32.83 -10.52
N ASP B 136 1.35 -32.49 -11.13
CA ASP B 136 1.13 -32.80 -12.52
C ASP B 136 1.86 -31.83 -13.41
N VAL B 137 2.72 -30.99 -12.87
CA VAL B 137 3.43 -30.08 -13.76
C VAL B 137 4.91 -30.41 -13.65
N VAL B 138 5.66 -30.20 -14.74
CA VAL B 138 7.08 -30.50 -14.69
C VAL B 138 7.89 -29.25 -14.79
N PHE B 139 8.80 -29.09 -13.82
CA PHE B 139 9.62 -27.90 -13.76
C PHE B 139 11.06 -28.17 -14.16
N GLU B 140 11.84 -27.09 -14.20
CA GLU B 140 13.25 -27.15 -14.57
C GLU B 140 13.88 -28.45 -14.07
N GLY B 141 14.84 -28.98 -14.83
CA GLY B 141 15.50 -30.23 -14.44
C GLY B 141 14.54 -31.42 -14.49
N GLY B 142 13.32 -31.16 -14.95
CA GLY B 142 12.32 -32.20 -15.05
C GLY B 142 11.71 -32.71 -13.76
N TYR B 143 11.63 -31.88 -12.73
CA TYR B 143 11.02 -32.30 -11.47
C TYR B 143 9.56 -31.84 -11.43
N VAL B 144 8.73 -32.58 -10.72
CA VAL B 144 7.32 -32.22 -10.63
C VAL B 144 7.05 -31.40 -9.37
N GLY B 145 5.93 -30.70 -9.33
CA GLY B 145 5.64 -29.92 -8.14
C GLY B 145 5.34 -30.77 -6.93
N ASP B 146 5.42 -30.16 -5.75
CA ASP B 146 5.21 -30.88 -4.51
C ASP B 146 3.80 -30.75 -3.91
N ASN B 147 2.84 -30.34 -4.73
CA ASN B 147 1.46 -30.20 -4.27
C ASN B 147 1.33 -29.42 -2.96
N ASP B 148 1.69 -28.12 -3.00
CA ASP B 148 1.64 -27.16 -1.88
C ASP B 148 1.74 -25.75 -2.40
N PRO B 149 1.37 -24.76 -1.58
CA PRO B 149 1.47 -23.37 -2.06
C PRO B 149 2.93 -23.05 -2.32
N ILE B 150 3.21 -21.98 -3.05
CA ILE B 150 4.59 -21.64 -3.30
C ILE B 150 5.26 -21.14 -1.97
N ASP B 151 6.50 -21.56 -1.70
CA ASP B 151 7.22 -21.15 -0.49
C ASP B 151 7.91 -19.80 -0.69
N ALA B 152 7.93 -18.99 0.38
CA ALA B 152 8.55 -17.68 0.30
C ALA B 152 9.40 -17.41 1.52
N ILE B 153 10.44 -16.62 1.28
CA ILE B 153 11.38 -16.18 2.30
C ILE B 153 11.37 -14.64 2.22
N GLU B 154 10.92 -13.92 3.27
CA GLU B 154 10.93 -12.44 3.20
C GLU B 154 12.12 -12.09 4.05
N ILE B 155 13.06 -11.35 3.48
CA ILE B 155 14.34 -11.04 4.12
C ILE B 155 14.60 -9.72 4.85
N GLY B 156 13.57 -8.95 5.18
CA GLY B 156 13.80 -7.70 5.89
C GLY B 156 14.16 -7.84 7.37
N MET B 157 14.43 -6.73 8.03
CA MET B 157 14.82 -6.73 9.42
C MET B 157 13.75 -7.07 10.45
N THR B 158 12.50 -6.80 10.14
CA THR B 158 11.41 -7.02 11.07
C THR B 158 10.85 -8.45 11.05
N GLN B 159 10.64 -8.97 12.24
CA GLN B 159 10.12 -10.31 12.41
C GLN B 159 8.63 -10.29 12.47
N PHE B 160 7.99 -11.14 11.64
CA PHE B 160 6.53 -11.31 11.59
C PHE B 160 6.07 -12.27 12.69
N LYS B 161 4.84 -12.07 13.14
CA LYS B 161 4.23 -12.94 14.14
C LYS B 161 3.75 -14.19 13.37
N VAL B 162 3.51 -15.30 14.06
CA VAL B 162 3.05 -16.49 13.34
C VAL B 162 1.71 -16.25 12.66
N GLY B 163 1.66 -16.53 11.36
CA GLY B 163 0.45 -16.35 10.57
C GLY B 163 0.19 -14.93 10.14
N GLN B 164 1.12 -14.03 10.46
CA GLN B 164 1.00 -12.61 10.08
C GLN B 164 1.11 -12.44 8.58
N VAL B 165 0.28 -11.60 7.98
CA VAL B 165 0.30 -11.41 6.53
C VAL B 165 0.65 -9.97 6.16
N GLY B 166 1.47 -9.81 5.13
CA GLY B 166 1.85 -8.49 4.69
C GLY B 166 2.35 -8.42 3.24
N ALA B 167 2.32 -7.22 2.68
CA ALA B 167 2.76 -7.00 1.31
C ALA B 167 4.27 -7.06 1.20
N VAL B 168 4.75 -7.76 0.18
CA VAL B 168 6.16 -7.90 -0.07
C VAL B 168 6.39 -7.61 -1.55
N LYS B 169 7.65 -7.44 -1.90
CA LYS B 169 8.07 -7.17 -3.25
C LYS B 169 8.94 -8.35 -3.58
N VAL B 170 8.58 -9.07 -4.64
CA VAL B 170 9.33 -10.25 -5.06
C VAL B 170 10.65 -9.84 -5.71
N LEU B 171 11.75 -10.46 -5.30
CA LEU B 171 13.06 -10.12 -5.80
C LEU B 171 13.74 -11.22 -6.55
N GLY B 172 13.35 -12.46 -6.29
CA GLY B 172 14.02 -13.54 -6.99
C GLY B 172 13.50 -14.91 -6.56
N ILE B 173 14.15 -15.99 -7.00
CA ILE B 173 13.65 -17.30 -6.61
C ILE B 173 14.79 -18.31 -6.67
N LEU B 174 14.67 -19.40 -5.90
CA LEU B 174 15.69 -20.43 -5.77
C LEU B 174 15.00 -21.78 -5.94
N GLY B 175 15.54 -22.61 -6.85
CA GLY B 175 14.92 -23.91 -7.10
C GLY B 175 15.47 -25.02 -6.23
N MET B 176 14.86 -25.28 -5.10
CA MET B 176 15.38 -26.36 -4.25
C MET B 176 14.64 -27.65 -4.54
N ILE B 177 15.38 -28.75 -4.63
CA ILE B 177 14.73 -30.05 -4.87
C ILE B 177 14.45 -30.64 -3.51
N ASP B 178 13.23 -31.11 -3.31
CA ASP B 178 12.91 -31.69 -2.02
C ASP B 178 12.16 -33.01 -2.16
N ASP B 179 12.84 -34.08 -1.75
CA ASP B 179 12.32 -35.45 -1.80
C ASP B 179 11.86 -35.74 -3.22
N GLY B 180 12.74 -35.43 -4.17
CA GLY B 180 12.44 -35.67 -5.55
C GLY B 180 11.61 -34.64 -6.26
N GLN B 181 11.01 -33.70 -5.54
CA GLN B 181 10.19 -32.70 -6.23
C GLN B 181 10.80 -31.32 -6.25
N MET B 182 10.18 -30.44 -7.01
CA MET B 182 10.60 -29.06 -7.16
C MET B 182 9.99 -28.32 -5.98
N ASP B 183 10.80 -27.50 -5.32
CA ASP B 183 10.31 -26.74 -4.18
C ASP B 183 10.92 -25.35 -4.29
N TRP B 184 10.22 -24.48 -4.99
CA TRP B 184 10.70 -23.12 -5.16
C TRP B 184 10.60 -22.36 -3.85
N LYS B 185 11.63 -21.57 -3.59
CA LYS B 185 11.67 -20.70 -2.44
C LYS B 185 11.73 -19.31 -3.07
N VAL B 186 10.61 -18.58 -3.04
CA VAL B 186 10.57 -17.21 -3.56
C VAL B 186 11.24 -16.26 -2.55
N ILE B 187 12.14 -15.41 -3.03
CA ILE B 187 12.84 -14.45 -2.20
C ILE B 187 12.11 -13.12 -2.33
N CYS B 188 11.76 -12.50 -1.20
CA CYS B 188 11.05 -11.24 -1.23
C CYS B 188 11.36 -10.36 -0.01
N ILE B 189 10.80 -9.14 0.02
CA ILE B 189 11.04 -8.27 1.14
C ILE B 189 9.81 -7.41 1.45
N SER B 190 9.52 -7.20 2.74
CA SER B 190 8.38 -6.43 3.14
C SER B 190 8.37 -5.06 2.51
N HIS B 191 7.23 -4.60 1.98
CA HIS B 191 7.17 -3.29 1.38
C HIS B 191 7.43 -2.23 2.51
N ASN B 192 7.42 -2.59 3.79
CA ASN B 192 7.68 -1.61 4.85
C ASN B 192 9.12 -1.56 5.36
N ASP B 193 9.97 -2.45 4.89
CA ASP B 193 11.33 -2.45 5.37
C ASP B 193 12.08 -1.24 4.85
N PRO B 194 12.98 -0.68 5.66
CA PRO B 194 13.70 0.49 5.18
C PRO B 194 14.45 0.35 3.88
N ILE B 195 14.89 -0.83 3.50
CA ILE B 195 15.62 -0.83 2.23
C ILE B 195 14.83 -1.35 1.06
N CYS B 196 13.56 -1.65 1.27
CA CYS B 196 12.76 -2.20 0.21
C CYS B 196 12.88 -1.46 -1.09
N ARG B 197 12.98 -0.15 -1.00
CA ARG B 197 13.09 0.64 -2.22
C ARG B 197 14.44 0.59 -2.90
N PHE B 198 15.49 0.27 -2.18
CA PHE B 198 16.77 0.22 -2.85
C PHE B 198 17.03 -1.15 -3.46
N LEU B 199 16.21 -2.13 -3.11
CA LEU B 199 16.37 -3.45 -3.67
C LEU B 199 15.53 -3.58 -4.94
N LYS B 200 16.17 -3.51 -6.09
CA LYS B 200 15.42 -3.60 -7.33
C LYS B 200 15.26 -5.01 -7.86
N ASP B 201 16.32 -5.81 -7.77
CA ASP B 201 16.30 -7.19 -8.25
C ASP B 201 17.26 -8.04 -7.40
N ILE B 202 17.26 -9.35 -7.64
CA ILE B 202 18.09 -10.28 -6.90
C ILE B 202 19.55 -9.90 -6.80
N HIS B 203 20.11 -9.24 -7.80
CA HIS B 203 21.54 -8.89 -7.71
C HIS B 203 21.83 -7.75 -6.72
N ASP B 204 20.77 -7.17 -6.17
CA ASP B 204 20.96 -6.09 -5.22
C ASP B 204 21.01 -6.58 -3.81
N VAL B 205 20.57 -7.81 -3.59
CA VAL B 205 20.57 -8.36 -2.25
C VAL B 205 21.99 -8.39 -1.69
N PRO B 206 22.99 -8.76 -2.50
CA PRO B 206 24.36 -8.79 -1.97
C PRO B 206 24.94 -7.39 -1.74
N LYS B 207 24.50 -6.41 -2.51
CA LYS B 207 24.96 -5.05 -2.32
C LYS B 207 24.44 -4.47 -1.01
N PHE B 208 23.21 -4.82 -0.59
CA PHE B 208 22.68 -4.24 0.62
C PHE B 208 22.63 -5.16 1.84
N LEU B 209 22.52 -6.46 1.59
CA LEU B 209 22.52 -7.43 2.66
C LEU B 209 23.58 -8.48 2.35
N PRO B 210 24.86 -8.07 2.21
CA PRO B 210 25.89 -9.07 1.91
C PRO B 210 25.74 -10.30 2.79
N GLY B 211 26.00 -11.49 2.23
CA GLY B 211 25.90 -12.73 2.97
C GLY B 211 24.52 -13.34 3.11
N CYS B 212 23.48 -12.54 2.93
CA CYS B 212 22.14 -13.04 3.08
C CYS B 212 21.84 -14.16 2.08
N LEU B 213 22.08 -13.95 0.79
CA LEU B 213 21.78 -15.01 -0.17
C LEU B 213 22.65 -16.25 0.06
N ASP B 214 23.95 -16.10 0.31
CA ASP B 214 24.75 -17.30 0.59
C ASP B 214 24.20 -18.06 1.77
N ALA B 215 23.81 -17.36 2.81
CA ALA B 215 23.31 -17.96 4.02
C ALA B 215 21.97 -18.66 3.81
N ILE B 216 21.14 -18.09 2.94
CA ILE B 216 19.85 -18.70 2.68
C ILE B 216 20.09 -19.99 1.89
N HIS B 217 21.02 -19.94 0.94
CA HIS B 217 21.33 -21.08 0.13
C HIS B 217 21.86 -22.24 0.97
N GLU B 218 22.89 -21.92 1.75
CA GLU B 218 23.53 -22.88 2.65
C GLU B 218 22.56 -23.55 3.66
N TRP B 219 21.66 -22.76 4.24
CA TRP B 219 20.73 -23.29 5.22
C TRP B 219 19.80 -24.29 4.57
N PHE B 220 19.20 -23.91 3.47
CA PHE B 220 18.31 -24.85 2.78
C PHE B 220 19.09 -26.03 2.20
N ARG B 221 20.35 -25.80 1.86
CA ARG B 221 21.16 -26.90 1.36
C ARG B 221 21.47 -27.94 2.43
N VAL B 222 21.52 -27.59 3.70
CA VAL B 222 21.95 -28.61 4.66
C VAL B 222 21.07 -28.86 5.88
N TYR B 223 19.98 -28.14 6.02
CA TYR B 223 19.26 -28.32 7.25
C TYR B 223 18.82 -29.74 7.57
N LYS B 224 18.68 -30.59 6.57
CA LYS B 224 18.25 -31.97 6.79
C LYS B 224 19.37 -32.90 7.28
N ILE B 225 20.58 -32.68 6.79
CA ILE B 225 21.72 -33.51 7.18
C ILE B 225 21.78 -33.93 8.65
N CYS B 226 21.63 -32.97 9.55
CA CYS B 226 21.69 -33.30 10.96
C CYS B 226 20.45 -34.05 11.47
N GLN B 227 19.35 -34.05 10.72
CA GLN B 227 18.16 -34.80 11.16
C GLN B 227 18.39 -36.21 10.55
N GLY B 228 19.64 -36.48 10.12
CA GLY B 228 19.98 -37.76 9.52
C GLY B 228 20.13 -37.73 8.00
N GLY B 229 19.25 -36.99 7.31
CA GLY B 229 19.25 -36.88 5.85
C GLY B 229 20.53 -36.52 5.10
N VAL B 230 20.38 -36.07 3.86
CA VAL B 230 21.54 -35.69 3.03
C VAL B 230 21.46 -34.23 2.59
N GLU B 231 22.53 -33.74 1.98
CA GLU B 231 22.50 -32.36 1.52
C GLU B 231 21.33 -32.23 0.54
N ASN B 232 20.94 -31.02 0.12
CA ASN B 232 19.84 -30.91 -0.81
C ASN B 232 20.31 -30.45 -2.16
N LYS B 233 19.54 -30.75 -3.20
CA LYS B 233 19.95 -30.39 -4.54
C LYS B 233 19.19 -29.19 -5.05
N PHE B 234 19.81 -28.42 -5.94
CA PHE B 234 19.20 -27.21 -6.50
C PHE B 234 19.25 -27.19 -8.02
N VAL B 235 18.21 -26.73 -8.68
CA VAL B 235 18.27 -26.62 -10.13
C VAL B 235 19.06 -25.35 -10.37
N PHE B 236 19.35 -25.03 -11.62
CA PHE B 236 20.12 -23.83 -11.95
C PHE B 236 21.44 -23.67 -11.23
N ASN B 237 21.93 -24.71 -10.59
CA ASN B 237 23.19 -24.61 -9.86
C ASN B 237 23.10 -23.88 -8.55
N GLY B 238 22.00 -24.02 -7.83
CA GLY B 238 21.88 -23.30 -6.57
C GLY B 238 21.95 -21.79 -6.80
N GLU B 239 21.66 -21.37 -8.01
CA GLU B 239 21.71 -19.97 -8.35
C GLU B 239 20.32 -19.35 -8.11
N PHE B 240 20.30 -18.07 -7.73
CA PHE B 240 19.04 -17.38 -7.49
C PHE B 240 18.59 -16.71 -8.77
N LYS B 241 17.46 -17.10 -9.33
CA LYS B 241 16.97 -16.45 -10.55
C LYS B 241 16.37 -15.09 -10.15
N ASP B 242 16.33 -14.14 -11.10
CA ASP B 242 15.81 -12.80 -10.86
C ASP B 242 14.31 -12.69 -10.71
N LYS B 243 13.84 -11.49 -10.38
CA LYS B 243 12.41 -11.31 -10.17
C LYS B 243 11.49 -11.53 -11.39
N SER B 244 12.01 -11.43 -12.60
CA SER B 244 11.18 -11.66 -13.77
C SER B 244 10.84 -13.15 -13.86
N PHE B 245 11.87 -13.97 -13.69
CA PHE B 245 11.68 -15.41 -13.71
C PHE B 245 10.81 -15.80 -12.54
N ALA B 246 11.05 -15.18 -11.39
CA ALA B 246 10.28 -15.48 -10.18
C ALA B 246 8.81 -15.07 -10.32
N MET B 247 8.55 -13.90 -10.89
CA MET B 247 7.17 -13.52 -11.01
C MET B 247 6.45 -14.46 -12.00
N LYS B 248 7.20 -15.03 -12.95
CA LYS B 248 6.61 -15.95 -13.95
C LYS B 248 6.18 -17.23 -13.22
N VAL B 249 7.13 -17.82 -12.48
CA VAL B 249 6.84 -19.03 -11.71
C VAL B 249 5.60 -18.79 -10.83
N ILE B 250 5.51 -17.62 -10.19
CA ILE B 250 4.36 -17.32 -9.34
C ILE B 250 3.07 -17.33 -10.14
N ASP B 251 3.04 -16.74 -11.35
CA ASP B 251 1.79 -16.79 -12.14
C ASP B 251 1.49 -18.23 -12.53
N GLU B 252 2.46 -18.98 -13.06
CA GLU B 252 2.17 -20.39 -13.43
C GLU B 252 1.44 -20.94 -12.22
N SER B 253 1.97 -20.60 -11.06
CA SER B 253 1.45 -21.03 -9.77
C SER B 253 0.04 -20.61 -9.44
N HIS B 254 -0.27 -19.36 -9.74
CA HIS B 254 -1.57 -18.81 -9.46
C HIS B 254 -2.61 -19.48 -10.38
N TYR B 255 -2.19 -19.73 -11.63
CA TYR B 255 -3.00 -20.38 -12.65
C TYR B 255 -3.33 -21.77 -12.12
N MET B 256 -2.29 -22.53 -11.77
CA MET B 256 -2.47 -23.86 -11.24
C MET B 256 -3.44 -23.84 -10.08
N TRP B 257 -3.34 -22.85 -9.21
CA TRP B 257 -4.26 -22.79 -8.08
C TRP B 257 -5.63 -22.60 -8.61
N GLY B 258 -5.78 -21.75 -9.63
CA GLY B 258 -7.08 -21.53 -10.22
C GLY B 258 -7.78 -22.79 -10.70
N ASN B 259 -7.02 -23.69 -11.33
CA ASN B 259 -7.57 -24.95 -11.84
C ASN B 259 -7.94 -25.94 -10.76
N LEU B 260 -7.17 -25.98 -9.68
CA LEU B 260 -7.45 -26.86 -8.58
C LEU B 260 -8.84 -26.50 -8.05
N ARG B 261 -9.17 -25.21 -8.10
CA ARG B 261 -10.46 -24.76 -7.62
C ARG B 261 -11.62 -24.94 -8.55
N LYS B 262 -11.37 -24.99 -9.86
CA LYS B 262 -12.43 -25.22 -10.84
C LYS B 262 -12.92 -26.67 -10.69
N ILE B 263 -12.03 -27.57 -10.26
CA ILE B 263 -12.37 -28.99 -10.03
C ILE B 263 -13.48 -29.07 -8.97
#